data_7BHS
#
_entry.id   7BHS
#
_cell.length_a   67.923
_cell.length_b   94.019
_cell.length_c   117.085
_cell.angle_alpha   90.000
_cell.angle_beta   90.000
_cell.angle_gamma   90.000
#
_symmetry.space_group_name_H-M   'I 2 2 2'
#
loop_
_entity.id
_entity.type
_entity.pdbx_description
1 polymer 'S-adenosylmethionine synthase isoform type-2'
2 non-polymer 6-chloranyl-2-methoxy-4-phenyl-quinazoline
3 non-polymer S-ADENOSYLMETHIONINE
4 water water
#
_entity_poly.entity_id   1
_entity_poly.type   'polypeptide(L)'
_entity_poly.pdbx_seq_one_letter_code
;QSMNGQLNGFHEAFIEEGTFLFTSESVGEGHPDKICDQISDAVLDAHLQQDPDAKVACETVAKTGMILLAGEITSRAAVD
YQKVVREAVKHIGYDDSSKGFDYKTCNVLVALEQQSPDIAQGVHLDRNEEDIGAGDQGLMFGYATDETEECMPLTIVLAH
KLNAKLAELRRNGTLPWLRPDSKTQVTVQYMQDRGAVLPIRVHTIVISVQHDEEVCLDEMRDALKEKVIKAVVPAKYLDE
DTIYHLQPSGRFVIGGPQGDAGLTGRKIIVDTYGGWGAHGGGAFSGKDYTKVDRSAAYAARWVAKSLVKGGLCRRVLVQV
SYAIGVSHPLSISIFHYGTSQKSERELLEIVKKNFDLRPGVIVRDLDLKKPIYQRTAAYGHFGRDSFPWEVPKKLKY
;
_entity_poly.pdbx_strand_id   A
#
loop_
_chem_comp.id
_chem_comp.type
_chem_comp.name
_chem_comp.formula
SAM non-polymer S-ADENOSYLMETHIONINE 'C15 H22 N6 O5 S'
TNZ non-polymer 6-chloranyl-2-methoxy-4-phenyl-quinazoline 'C15 H11 Cl N2 O'
#
# COMPACT_ATOMS: atom_id res chain seq x y z
N GLY A 18 -0.45 -9.35 30.50
CA GLY A 18 0.49 -9.02 29.44
C GLY A 18 -0.10 -8.96 28.03
N THR A 19 -1.43 -9.12 27.93
CA THR A 19 -2.09 -9.10 26.61
C THR A 19 -2.61 -7.72 26.28
N PHE A 20 -2.78 -7.47 24.97
CA PHE A 20 -3.31 -6.20 24.52
C PHE A 20 -4.03 -6.42 23.22
N LEU A 21 -4.81 -5.44 22.83
CA LEU A 21 -5.52 -5.46 21.56
C LEU A 21 -4.82 -4.55 20.57
N PHE A 22 -4.89 -4.89 19.31
CA PHE A 22 -4.40 -3.99 18.25
C PHE A 22 -5.29 -4.16 17.05
N THR A 23 -5.58 -3.06 16.38
CA THR A 23 -6.50 -3.04 15.25
C THR A 23 -5.82 -2.48 14.01
N SER A 24 -6.11 -3.09 12.85
CA SER A 24 -5.70 -2.55 11.55
C SER A 24 -6.87 -2.66 10.60
N GLU A 25 -6.87 -1.81 9.56
CA GLU A 25 -7.90 -1.87 8.53
C GLU A 25 -7.30 -2.07 7.16
N SER A 26 -8.18 -2.46 6.21
CA SER A 26 -7.84 -2.50 4.80
C SER A 26 -9.07 -2.05 4.02
N VAL A 27 -8.87 -1.80 2.72
CA VAL A 27 -9.99 -1.43 1.85
C VAL A 27 -9.88 -2.21 0.55
N GLY A 28 -10.99 -2.28 -0.13
CA GLY A 28 -11.07 -2.97 -1.41
C GLY A 28 -10.59 -2.14 -2.58
N GLU A 29 -10.49 -2.80 -3.73
CA GLU A 29 -10.08 -2.15 -4.98
C GLU A 29 -11.04 -1.03 -5.41
N GLY A 30 -12.31 -1.12 -5.03
CA GLY A 30 -13.28 -0.10 -5.39
C GLY A 30 -13.50 0.97 -4.37
N HIS A 31 -12.75 0.95 -3.24
CA HIS A 31 -12.83 2.05 -2.30
C HIS A 31 -12.32 3.30 -3.06
N PRO A 32 -13.02 4.43 -2.96
CA PRO A 32 -12.65 5.58 -3.84
C PRO A 32 -11.21 6.08 -3.70
N ASP A 33 -10.64 6.06 -2.49
CA ASP A 33 -9.22 6.43 -2.35
C ASP A 33 -8.34 5.43 -3.09
N LYS A 34 -8.64 4.12 -2.93
CA LYS A 34 -7.87 3.12 -3.62
C LYS A 34 -8.04 3.15 -5.15
N ILE A 35 -9.22 3.55 -5.66
CA ILE A 35 -9.40 3.74 -7.10
C ILE A 35 -8.37 4.76 -7.58
N CYS A 36 -8.22 5.86 -6.82
CA CYS A 36 -7.26 6.92 -7.17
C CYS A 36 -5.82 6.40 -7.18
N ASP A 37 -5.44 5.64 -6.16
CA ASP A 37 -4.09 5.07 -6.14
C ASP A 37 -3.83 4.15 -7.33
N GLN A 38 -4.81 3.32 -7.69
CA GLN A 38 -4.65 2.44 -8.84
C GLN A 38 -4.59 3.21 -10.15
N ILE A 39 -5.38 4.27 -10.32
CA ILE A 39 -5.32 5.06 -11.54
C ILE A 39 -3.99 5.81 -11.62
N SER A 40 -3.56 6.42 -10.50
CA SER A 40 -2.26 7.09 -10.49
C SER A 40 -1.13 6.15 -10.92
N ASP A 41 -1.14 4.92 -10.40
CA ASP A 41 -0.12 3.94 -10.77
C ASP A 41 -0.32 3.35 -12.17
N ALA A 42 -1.55 3.33 -12.69
CA ALA A 42 -1.77 2.95 -14.09
C ALA A 42 -1.13 4.02 -15.02
N VAL A 43 -1.26 5.30 -14.65
CA VAL A 43 -0.66 6.38 -15.42
C VAL A 43 0.87 6.28 -15.38
N LEU A 44 1.41 6.08 -14.15
CA LEU A 44 2.85 5.91 -14.02
C LEU A 44 3.36 4.74 -14.90
N ASP A 45 2.70 3.58 -14.79
CA ASP A 45 3.11 2.42 -15.57
C ASP A 45 3.03 2.68 -17.08
N ALA A 46 2.00 3.39 -17.53
CA ALA A 46 1.86 3.72 -18.94
C ALA A 46 3.03 4.53 -19.42
N HIS A 47 3.46 5.51 -18.61
CA HIS A 47 4.63 6.29 -18.98
C HIS A 47 5.91 5.43 -18.96
N LEU A 48 6.11 4.60 -17.91
CA LEU A 48 7.34 3.80 -17.81
C LEU A 48 7.47 2.77 -18.89
N GLN A 49 6.35 2.30 -19.44
CA GLN A 49 6.38 1.33 -20.55
C GLN A 49 7.07 1.93 -21.78
N GLN A 50 6.96 3.25 -21.98
CA GLN A 50 7.59 3.92 -23.12
C GLN A 50 8.85 4.67 -22.77
N ASP A 51 8.91 5.25 -21.57
CA ASP A 51 10.06 6.06 -21.14
C ASP A 51 10.41 5.63 -19.70
N PRO A 52 11.43 4.76 -19.54
CA PRO A 52 11.83 4.33 -18.20
C PRO A 52 12.29 5.45 -17.28
N ASP A 53 12.71 6.61 -17.84
CA ASP A 53 13.12 7.78 -17.08
C ASP A 53 12.05 8.84 -16.93
N ALA A 54 10.77 8.49 -17.17
CA ALA A 54 9.68 9.46 -16.97
C ALA A 54 9.68 10.01 -15.55
N LYS A 55 9.42 11.33 -15.44
CA LYS A 55 9.27 12.00 -14.14
C LYS A 55 7.79 12.17 -13.95
N VAL A 56 7.22 11.46 -12.98
CA VAL A 56 5.77 11.39 -12.78
C VAL A 56 5.38 11.72 -11.36
N ALA A 57 4.38 12.59 -11.23
CA ALA A 57 3.79 12.96 -9.94
C ALA A 57 2.30 13.15 -10.21
N CYS A 58 1.59 12.04 -10.39
CA CYS A 58 0.19 12.05 -10.82
C CYS A 58 -0.75 11.85 -9.66
N GLU A 59 -1.50 12.84 -9.29
CA GLU A 59 -2.56 12.71 -8.29
C GLU A 59 -3.89 12.48 -9.00
N THR A 60 -4.75 11.69 -8.42
CA THR A 60 -6.10 11.42 -8.94
C THR A 60 -7.13 11.81 -7.89
N VAL A 61 -8.25 12.39 -8.34
CA VAL A 61 -9.39 12.68 -7.51
C VAL A 61 -10.60 11.98 -8.15
N ALA A 62 -11.43 11.38 -7.35
CA ALA A 62 -12.63 10.70 -7.84
C ALA A 62 -13.85 11.16 -7.06
N LYS A 63 -14.90 11.53 -7.78
CA LYS A 63 -16.17 11.88 -7.14
C LYS A 63 -17.22 11.41 -8.15
N THR A 64 -18.47 11.47 -7.81
CA THR A 64 -19.55 11.01 -8.69
C THR A 64 -19.29 11.42 -10.15
N GLY A 65 -19.14 10.43 -11.00
CA GLY A 65 -18.98 10.60 -12.43
C GLY A 65 -17.68 11.20 -12.90
N MET A 66 -16.66 11.39 -12.03
CA MET A 66 -15.45 12.10 -12.39
C MET A 66 -14.21 11.44 -11.91
N ILE A 67 -13.23 11.37 -12.81
CA ILE A 67 -11.82 11.13 -12.50
C ILE A 67 -11.08 12.37 -12.96
N LEU A 68 -10.38 13.03 -12.05
CA LEU A 68 -9.55 14.15 -12.43
C LEU A 68 -8.09 13.77 -12.16
N LEU A 69 -7.21 13.94 -13.13
CA LEU A 69 -5.76 13.79 -12.97
C LEU A 69 -5.15 15.15 -12.78
N ALA A 70 -4.38 15.36 -11.74
CA ALA A 70 -3.73 16.65 -11.46
C ALA A 70 -2.29 16.38 -11.06
N GLY A 71 -1.36 17.13 -11.58
CA GLY A 71 0.03 16.87 -11.22
C GLY A 71 0.97 17.25 -12.31
N GLU A 72 2.15 16.63 -12.25
CA GLU A 72 3.28 17.00 -13.08
C GLU A 72 3.93 15.79 -13.65
N ILE A 73 4.06 15.77 -14.96
CA ILE A 73 4.71 14.69 -15.72
C ILE A 73 5.60 15.28 -16.79
N THR A 74 6.88 14.87 -16.81
CA THR A 74 7.80 15.16 -17.90
C THR A 74 8.25 13.81 -18.41
N SER A 75 7.92 13.53 -19.66
CA SER A 75 8.13 12.21 -20.20
C SER A 75 8.16 12.27 -21.72
N ARG A 76 8.87 11.32 -22.33
CA ARG A 76 8.90 11.18 -23.79
C ARG A 76 7.74 10.28 -24.27
N ALA A 77 6.98 9.67 -23.36
CA ALA A 77 5.88 8.78 -23.72
C ALA A 77 4.70 9.54 -24.34
N ALA A 78 3.95 8.86 -25.20
CA ALA A 78 2.70 9.39 -25.74
C ALA A 78 1.61 8.53 -25.06
N VAL A 79 0.95 9.08 -24.02
CA VAL A 79 -0.03 8.34 -23.23
C VAL A 79 -1.45 8.83 -23.50
N ASP A 80 -2.35 7.88 -23.75
CA ASP A 80 -3.75 8.18 -23.95
C ASP A 80 -4.39 8.09 -22.56
N TYR A 81 -4.50 9.24 -21.87
CA TYR A 81 -5.07 9.26 -20.50
C TYR A 81 -6.48 8.75 -20.42
N GLN A 82 -7.33 9.05 -21.40
CA GLN A 82 -8.70 8.58 -21.38
C GLN A 82 -8.71 7.06 -21.37
N LYS A 83 -7.93 6.39 -22.23
CA LYS A 83 -7.90 4.94 -22.29
C LYS A 83 -7.30 4.33 -21.03
N VAL A 84 -6.18 4.89 -20.53
CA VAL A 84 -5.54 4.34 -19.35
C VAL A 84 -6.46 4.40 -18.14
N VAL A 85 -7.07 5.55 -17.90
CA VAL A 85 -8.00 5.72 -16.80
C VAL A 85 -9.17 4.77 -16.88
N ARG A 86 -9.81 4.73 -18.06
CA ARG A 86 -11.00 3.92 -18.21
C ARG A 86 -10.71 2.44 -18.07
N GLU A 87 -9.57 2.01 -18.59
CA GLU A 87 -9.17 0.60 -18.44
C GLU A 87 -8.92 0.24 -16.96
N ALA A 88 -8.40 1.18 -16.15
CA ALA A 88 -8.16 0.88 -14.74
C ALA A 88 -9.50 0.75 -14.01
N VAL A 89 -10.46 1.64 -14.32
CA VAL A 89 -11.79 1.58 -13.70
C VAL A 89 -12.53 0.29 -14.11
N LYS A 90 -12.42 -0.09 -15.38
CA LYS A 90 -12.99 -1.35 -15.84
C LYS A 90 -12.44 -2.53 -15.02
N HIS A 91 -11.12 -2.57 -14.83
CA HIS A 91 -10.48 -3.65 -14.06
C HIS A 91 -11.04 -3.75 -12.65
N ILE A 92 -11.28 -2.61 -12.03
CA ILE A 92 -11.83 -2.53 -10.67
C ILE A 92 -13.25 -3.10 -10.62
N GLY A 93 -14.03 -2.92 -11.69
CA GLY A 93 -15.37 -3.47 -11.75
C GLY A 93 -16.48 -2.45 -11.85
N TYR A 94 -16.17 -1.14 -12.00
CA TYR A 94 -17.24 -0.14 -12.11
C TYR A 94 -17.59 0.04 -13.57
N ASP A 95 -18.59 -0.72 -14.01
CA ASP A 95 -18.96 -0.83 -15.42
C ASP A 95 -20.43 -0.62 -15.71
N ASP A 96 -21.16 0.02 -14.82
CA ASP A 96 -22.58 0.27 -15.05
C ASP A 96 -23.09 1.30 -14.12
N SER A 97 -23.97 2.15 -14.59
CA SER A 97 -24.54 3.19 -13.72
C SER A 97 -25.31 2.59 -12.51
N SER A 98 -25.78 1.32 -12.61
CA SER A 98 -26.45 0.68 -11.46
C SER A 98 -25.50 0.50 -10.27
N LYS A 99 -24.17 0.43 -10.54
CA LYS A 99 -23.14 0.27 -9.53
C LYS A 99 -22.64 1.60 -8.99
N GLY A 100 -23.11 2.70 -9.58
CA GLY A 100 -22.79 4.04 -9.13
C GLY A 100 -21.66 4.69 -9.90
N PHE A 101 -20.99 3.95 -10.81
CA PHE A 101 -19.86 4.47 -11.58
C PHE A 101 -19.67 3.56 -12.75
N ASP A 102 -19.31 4.15 -13.89
CA ASP A 102 -19.11 3.38 -15.11
C ASP A 102 -17.93 3.91 -15.90
N TYR A 103 -16.90 3.08 -16.14
CA TYR A 103 -15.73 3.47 -16.92
C TYR A 103 -16.08 3.93 -18.34
N LYS A 104 -17.16 3.41 -18.89
CA LYS A 104 -17.48 3.76 -20.27
C LYS A 104 -17.96 5.21 -20.39
N THR A 105 -18.61 5.72 -19.35
CA THR A 105 -19.37 6.98 -19.45
C THR A 105 -18.99 8.03 -18.46
N CYS A 106 -18.03 7.79 -17.58
CA CYS A 106 -17.60 8.81 -16.61
C CYS A 106 -16.80 9.92 -17.32
N ASN A 107 -16.68 11.06 -16.66
CA ASN A 107 -15.88 12.18 -17.09
C ASN A 107 -14.43 11.92 -16.67
N VAL A 108 -13.49 12.07 -17.56
CA VAL A 108 -12.05 12.03 -17.28
C VAL A 108 -11.51 13.42 -17.64
N LEU A 109 -11.03 14.16 -16.64
CA LEU A 109 -10.50 15.52 -16.77
C LEU A 109 -9.01 15.45 -16.50
N VAL A 110 -8.20 16.17 -17.25
CA VAL A 110 -6.76 16.18 -17.09
C VAL A 110 -6.21 17.57 -16.88
N ALA A 111 -5.50 17.78 -15.75
CA ALA A 111 -4.85 19.02 -15.38
C ALA A 111 -3.38 18.67 -15.07
N LEU A 112 -2.65 18.24 -16.08
CA LEU A 112 -1.25 17.79 -15.97
C LEU A 112 -0.34 18.76 -16.66
N GLU A 113 0.72 19.15 -16.00
CA GLU A 113 1.71 20.04 -16.56
C GLU A 113 3.05 19.37 -16.50
N GLN A 114 4.07 19.98 -17.05
CA GLN A 114 5.43 19.46 -16.92
C GLN A 114 5.92 19.61 -15.48
N GLN A 115 6.88 18.78 -15.11
CA GLN A 115 7.57 18.97 -13.85
C GLN A 115 8.19 20.38 -13.79
N SER A 116 8.07 21.03 -12.63
CA SER A 116 8.70 22.33 -12.42
C SER A 116 10.18 22.28 -12.86
N PRO A 117 10.62 23.21 -13.71
CA PRO A 117 12.04 23.23 -14.10
C PRO A 117 12.94 23.51 -12.88
N ASP A 118 12.42 24.22 -11.83
CA ASP A 118 13.21 24.49 -10.63
C ASP A 118 13.48 23.18 -9.90
N ILE A 119 12.48 22.30 -9.83
CA ILE A 119 12.73 20.99 -9.23
C ILE A 119 13.69 20.18 -10.09
N ALA A 120 13.44 20.13 -11.40
CA ALA A 120 14.28 19.32 -12.28
C ALA A 120 15.74 19.69 -12.20
N GLN A 121 16.05 20.99 -12.20
CA GLN A 121 17.44 21.42 -12.15
C GLN A 121 18.09 21.09 -10.80
N GLY A 122 17.30 21.07 -9.75
CA GLY A 122 17.84 20.80 -8.43
C GLY A 122 17.95 19.34 -8.07
N VAL A 123 17.24 18.48 -8.80
CA VAL A 123 17.19 17.04 -8.50
C VAL A 123 17.99 16.19 -9.45
N HIS A 124 17.75 16.30 -10.77
CA HIS A 124 18.28 15.31 -11.70
C HIS A 124 18.95 15.87 -12.94
N LEU A 125 18.69 17.10 -13.32
CA LEU A 125 19.32 17.58 -14.56
C LEU A 125 20.82 17.63 -14.45
N ASP A 126 21.49 17.04 -15.46
CA ASP A 126 22.95 16.96 -15.55
C ASP A 126 23.58 16.20 -14.39
N ARG A 127 22.85 15.28 -13.79
CA ARG A 127 23.39 14.47 -12.71
C ARG A 127 23.60 13.06 -13.16
N ASN A 128 24.70 12.46 -12.68
CA ASN A 128 24.98 11.05 -12.92
C ASN A 128 23.84 10.28 -12.21
N GLU A 129 23.29 9.23 -12.86
CA GLU A 129 22.13 8.57 -12.24
C GLU A 129 22.36 8.11 -10.79
N GLU A 130 23.50 7.50 -10.48
CA GLU A 130 23.73 7.07 -9.10
C GLU A 130 23.73 8.24 -8.11
N ASP A 131 24.08 9.44 -8.61
CA ASP A 131 24.21 10.65 -7.80
C ASP A 131 23.06 11.61 -7.97
N ILE A 132 21.90 11.12 -8.47
CA ILE A 132 20.73 11.97 -8.53
C ILE A 132 20.31 12.37 -7.11
N GLY A 133 19.80 13.56 -6.96
CA GLY A 133 19.34 14.00 -5.66
C GLY A 133 17.99 13.39 -5.33
N ALA A 134 17.68 13.33 -4.03
CA ALA A 134 16.33 12.97 -3.63
C ALA A 134 15.36 13.97 -4.29
N GLY A 135 14.21 13.48 -4.72
CA GLY A 135 13.22 14.34 -5.38
C GLY A 135 12.46 15.29 -4.48
N ASP A 136 12.61 15.09 -3.17
CA ASP A 136 12.02 15.92 -2.14
C ASP A 136 12.75 15.61 -0.84
N GLN A 137 12.53 16.48 0.17
CA GLN A 137 12.91 16.10 1.52
C GLN A 137 11.86 15.10 2.03
N GLY A 138 12.10 14.54 3.20
CA GLY A 138 11.11 13.73 3.88
C GLY A 138 11.71 12.65 4.70
N LEU A 139 10.85 11.97 5.45
CA LEU A 139 11.24 10.86 6.30
C LEU A 139 10.43 9.68 5.89
N MET A 140 11.00 8.50 6.06
CA MET A 140 10.34 7.24 5.64
C MET A 140 10.71 6.15 6.64
N PHE A 141 9.82 5.18 6.84
CA PHE A 141 10.09 4.07 7.74
C PHE A 141 9.90 2.76 7.03
N GLY A 142 10.64 1.78 7.49
CA GLY A 142 10.47 0.38 7.10
C GLY A 142 10.20 -0.39 8.38
N TYR A 143 9.44 -1.48 8.27
CA TYR A 143 9.08 -2.27 9.45
C TYR A 143 9.02 -3.73 9.04
N ALA A 144 9.36 -4.62 9.98
CA ALA A 144 9.19 -6.06 9.75
C ALA A 144 8.99 -6.70 11.10
N THR A 145 8.19 -7.76 11.12
CA THR A 145 7.85 -8.52 12.34
C THR A 145 7.81 -9.98 11.97
N ASP A 146 8.37 -10.83 12.82
CA ASP A 146 8.40 -12.29 12.57
C ASP A 146 7.08 -12.99 12.89
N GLU A 147 6.02 -12.25 13.21
CA GLU A 147 4.76 -12.88 13.60
C GLU A 147 4.08 -13.63 12.46
N THR A 148 4.42 -13.32 11.19
CA THR A 148 3.94 -14.05 10.01
C THR A 148 5.16 -14.34 9.14
N GLU A 149 5.07 -15.37 8.27
CA GLU A 149 6.19 -15.73 7.39
C GLU A 149 6.59 -14.53 6.48
N GLU A 150 5.58 -13.79 6.02
CA GLU A 150 5.80 -12.61 5.17
C GLU A 150 6.26 -11.38 5.91
N CYS A 151 6.49 -11.51 7.21
CA CYS A 151 7.06 -10.48 8.07
C CYS A 151 6.21 -9.25 8.20
N MET A 152 4.90 -9.47 8.22
CA MET A 152 3.91 -8.39 8.38
C MET A 152 3.03 -8.64 9.59
N PRO A 153 2.43 -7.58 10.13
CA PRO A 153 1.47 -7.74 11.24
C PRO A 153 0.26 -8.57 10.80
N LEU A 154 -0.15 -9.49 11.66
CA LEU A 154 -1.30 -10.35 11.35
C LEU A 154 -2.57 -9.52 11.14
N THR A 155 -2.77 -8.45 11.94
CA THR A 155 -3.97 -7.64 11.80
C THR A 155 -4.19 -7.15 10.37
N ILE A 156 -3.13 -6.58 9.76
CA ILE A 156 -3.21 -6.01 8.41
CA ILE A 156 -3.33 -6.04 8.41
C ILE A 156 -3.31 -7.13 7.37
N VAL A 157 -2.57 -8.24 7.58
CA VAL A 157 -2.63 -9.34 6.60
C VAL A 157 -4.05 -9.85 6.50
N LEU A 158 -4.69 -10.12 7.63
CA LEU A 158 -6.05 -10.62 7.65
C LEU A 158 -6.99 -9.59 7.04
N ALA A 159 -6.84 -8.30 7.38
CA ALA A 159 -7.74 -7.28 6.81
C ALA A 159 -7.63 -7.24 5.28
N HIS A 160 -6.41 -7.29 4.71
CA HIS A 160 -6.23 -7.30 3.27
C HIS A 160 -6.87 -8.56 2.66
N LYS A 161 -6.64 -9.73 3.28
CA LYS A 161 -7.18 -10.99 2.71
C LYS A 161 -8.72 -10.99 2.72
N LEU A 162 -9.35 -10.32 3.69
CA LEU A 162 -10.81 -10.25 3.68
C LEU A 162 -11.29 -9.43 2.48
N ASN A 163 -10.63 -8.28 2.16
CA ASN A 163 -11.02 -7.55 0.93
C ASN A 163 -10.76 -8.34 -0.31
N ALA A 164 -9.63 -9.07 -0.40
CA ALA A 164 -9.31 -9.86 -1.58
C ALA A 164 -10.36 -10.95 -1.77
N LYS A 165 -10.84 -11.53 -0.68
CA LYS A 165 -11.88 -12.57 -0.75
C LYS A 165 -13.19 -12.02 -1.30
N LEU A 166 -13.55 -10.83 -0.84
CA LEU A 166 -14.75 -10.17 -1.37
C LEU A 166 -14.63 -9.97 -2.88
N ALA A 167 -13.50 -9.48 -3.33
CA ALA A 167 -13.29 -9.27 -4.77
C ALA A 167 -13.34 -10.59 -5.56
N GLU A 168 -12.80 -11.67 -4.96
CA GLU A 168 -12.79 -12.98 -5.62
C GLU A 168 -14.23 -13.45 -5.76
N LEU A 169 -15.05 -13.36 -4.73
CA LEU A 169 -16.43 -13.87 -4.74
C LEU A 169 -17.32 -13.02 -5.62
N ARG A 170 -16.98 -11.73 -5.77
CA ARG A 170 -17.69 -10.85 -6.68
C ARG A 170 -17.36 -11.29 -8.10
N ARG A 171 -16.08 -11.42 -8.40
CA ARG A 171 -15.64 -11.74 -9.76
C ARG A 171 -16.01 -13.14 -10.23
N ASN A 172 -16.11 -14.10 -9.33
CA ASN A 172 -16.47 -15.46 -9.77
C ASN A 172 -18.00 -15.67 -9.75
N GLY A 173 -18.77 -14.65 -9.38
CA GLY A 173 -20.22 -14.74 -9.39
C GLY A 173 -20.85 -15.53 -8.26
N THR A 174 -20.07 -15.89 -7.20
CA THR A 174 -20.56 -16.57 -5.98
C THR A 174 -21.56 -15.64 -5.24
N LEU A 175 -21.19 -14.35 -5.09
CA LEU A 175 -21.99 -13.34 -4.36
C LEU A 175 -22.20 -12.20 -5.36
N PRO A 176 -23.16 -12.38 -6.29
CA PRO A 176 -23.31 -11.40 -7.38
C PRO A 176 -23.87 -10.08 -6.93
N TRP A 177 -24.34 -9.99 -5.68
CA TRP A 177 -24.81 -8.73 -5.10
C TRP A 177 -23.67 -7.82 -4.65
N LEU A 178 -22.45 -8.35 -4.57
CA LEU A 178 -21.32 -7.52 -4.15
C LEU A 178 -20.95 -6.49 -5.18
N ARG A 179 -20.51 -5.34 -4.68
CA ARG A 179 -20.02 -4.26 -5.49
CA ARG A 179 -19.99 -4.27 -5.50
C ARG A 179 -18.54 -4.01 -5.10
N PRO A 180 -17.74 -3.25 -5.89
CA PRO A 180 -16.31 -3.15 -5.62
C PRO A 180 -15.84 -2.39 -4.37
N ASP A 181 -16.65 -1.53 -3.78
CA ASP A 181 -16.22 -0.70 -2.64
C ASP A 181 -16.35 -1.48 -1.33
N SER A 182 -15.27 -1.68 -0.60
CA SER A 182 -15.35 -2.40 0.67
C SER A 182 -14.31 -1.88 1.63
N LYS A 183 -14.55 -2.13 2.91
CA LYS A 183 -13.61 -1.85 4.01
C LYS A 183 -13.71 -2.99 4.98
N THR A 184 -12.58 -3.31 5.60
CA THR A 184 -12.50 -4.35 6.63
C THR A 184 -11.65 -3.84 7.79
N GLN A 185 -11.79 -4.46 8.95
CA GLN A 185 -11.00 -4.06 10.09
C GLN A 185 -10.90 -5.26 11.00
N VAL A 186 -9.70 -5.54 11.48
CA VAL A 186 -9.42 -6.71 12.33
C VAL A 186 -8.74 -6.26 13.59
N THR A 187 -9.26 -6.68 14.72
CA THR A 187 -8.68 -6.46 16.04
C THR A 187 -8.17 -7.81 16.53
N VAL A 188 -6.88 -7.91 16.84
CA VAL A 188 -6.26 -9.12 17.35
C VAL A 188 -5.84 -8.89 18.77
N GLN A 189 -6.01 -9.93 19.62
CA GLN A 189 -5.47 -9.92 20.97
C GLN A 189 -4.09 -10.58 20.87
N TYR A 190 -3.07 -9.87 21.32
CA TYR A 190 -1.67 -10.29 21.30
C TYR A 190 -1.14 -10.50 22.70
N MET A 191 -0.04 -11.28 22.77
CA MET A 191 0.79 -11.41 23.95
C MET A 191 2.12 -10.74 23.62
N GLN A 192 2.71 -10.04 24.60
CA GLN A 192 4.04 -9.44 24.49
C GLN A 192 5.08 -10.55 24.76
N ASP A 193 6.15 -10.63 23.97
CA ASP A 193 7.19 -11.64 24.13
C ASP A 193 8.60 -11.08 23.92
N ARG A 194 9.19 -10.49 24.99
CA ARG A 194 10.53 -9.88 24.97
C ARG A 194 10.69 -8.90 23.77
N GLY A 195 9.70 -8.05 23.57
CA GLY A 195 9.69 -7.07 22.48
C GLY A 195 8.97 -7.58 21.24
N ALA A 196 8.92 -8.91 21.02
CA ALA A 196 8.19 -9.44 19.88
C ALA A 196 6.72 -9.53 20.26
N VAL A 197 5.83 -9.74 19.28
CA VAL A 197 4.40 -9.83 19.59
C VAL A 197 3.88 -11.13 19.07
N LEU A 198 3.00 -11.78 19.85
CA LEU A 198 2.47 -13.08 19.52
C LEU A 198 0.95 -13.03 19.40
N PRO A 199 0.39 -13.30 18.21
CA PRO A 199 -1.08 -13.27 18.09
C PRO A 199 -1.73 -14.41 18.85
N ILE A 200 -2.81 -14.12 19.57
CA ILE A 200 -3.57 -15.13 20.33
C ILE A 200 -4.90 -15.44 19.63
N ARG A 201 -5.71 -14.42 19.37
CA ARG A 201 -7.04 -14.65 18.84
C ARG A 201 -7.51 -13.38 18.19
N VAL A 202 -8.53 -13.52 17.35
CA VAL A 202 -9.22 -12.41 16.73
C VAL A 202 -10.33 -12.00 17.68
N HIS A 203 -10.29 -10.74 18.13
CA HIS A 203 -11.23 -10.16 19.05
C HIS A 203 -12.46 -9.58 18.35
N THR A 204 -12.25 -8.84 17.25
CA THR A 204 -13.35 -8.18 16.52
C THR A 204 -13.02 -8.14 15.05
N ILE A 205 -14.04 -8.35 14.22
CA ILE A 205 -13.94 -8.12 12.76
C ILE A 205 -15.07 -7.20 12.32
N VAL A 206 -14.73 -6.23 11.49
CA VAL A 206 -15.69 -5.38 10.80
C VAL A 206 -15.57 -5.64 9.32
N ILE A 207 -16.71 -5.76 8.63
CA ILE A 207 -16.76 -5.77 7.16
C ILE A 207 -17.90 -4.89 6.75
N SER A 208 -17.61 -3.94 5.85
CA SER A 208 -18.64 -3.14 5.17
C SER A 208 -18.38 -3.25 3.70
N VAL A 209 -19.40 -3.62 2.94
CA VAL A 209 -19.22 -3.73 1.48
C VAL A 209 -20.46 -3.25 0.74
N GLN A 210 -20.21 -2.53 -0.33
CA GLN A 210 -21.28 -2.00 -1.18
C GLN A 210 -22.03 -3.17 -1.81
N HIS A 211 -23.35 -3.01 -1.95
CA HIS A 211 -24.19 -4.11 -2.42
C HIS A 211 -25.34 -3.62 -3.26
N ASP A 212 -25.97 -4.57 -3.97
CA ASP A 212 -27.12 -4.24 -4.79
C ASP A 212 -28.39 -3.98 -3.94
N GLU A 213 -29.42 -3.45 -4.59
CA GLU A 213 -30.68 -3.08 -3.96
C GLU A 213 -31.57 -4.25 -3.58
N GLU A 214 -31.29 -5.41 -4.11
CA GLU A 214 -32.15 -6.58 -3.93
C GLU A 214 -31.81 -7.48 -2.75
N VAL A 215 -30.54 -7.58 -2.36
CA VAL A 215 -30.15 -8.52 -1.31
C VAL A 215 -30.53 -8.00 0.09
N CYS A 216 -31.00 -8.89 0.96
CA CYS A 216 -31.34 -8.42 2.29
C CYS A 216 -30.15 -8.48 3.27
N LEU A 217 -30.23 -7.72 4.33
CA LEU A 217 -29.19 -7.66 5.33
C LEU A 217 -28.83 -9.03 5.92
N ASP A 218 -29.82 -9.84 6.26
CA ASP A 218 -29.50 -11.14 6.85
C ASP A 218 -28.73 -12.07 5.90
N GLU A 219 -29.09 -12.04 4.62
CA GLU A 219 -28.37 -12.82 3.62
C GLU A 219 -26.93 -12.33 3.53
N MET A 220 -26.70 -11.00 3.57
CA MET A 220 -25.34 -10.49 3.47
C MET A 220 -24.56 -10.88 4.71
N ARG A 221 -25.15 -10.71 5.91
CA ARG A 221 -24.39 -10.99 7.13
C ARG A 221 -24.02 -12.47 7.22
N ASP A 222 -24.93 -13.37 6.86
CA ASP A 222 -24.61 -14.77 6.84
C ASP A 222 -23.50 -15.10 5.85
N ALA A 223 -23.55 -14.54 4.64
CA ALA A 223 -22.51 -14.77 3.64
C ALA A 223 -21.16 -14.21 4.08
N LEU A 224 -21.16 -13.02 4.69
CA LEU A 224 -19.90 -12.46 5.12
C LEU A 224 -19.25 -13.33 6.20
N LYS A 225 -20.04 -13.93 7.07
CA LYS A 225 -19.44 -14.78 8.08
C LYS A 225 -18.98 -16.11 7.49
N GLU A 226 -19.88 -16.77 6.75
CA GLU A 226 -19.62 -18.12 6.27
C GLU A 226 -18.72 -18.22 5.09
N LYS A 227 -18.87 -17.32 4.13
CA LYS A 227 -18.12 -17.41 2.88
C LYS A 227 -16.91 -16.51 2.80
N VAL A 228 -16.85 -15.51 3.69
CA VAL A 228 -15.73 -14.59 3.67
C VAL A 228 -14.86 -14.82 4.87
N ILE A 229 -15.33 -14.53 6.08
CA ILE A 229 -14.49 -14.70 7.29
C ILE A 229 -14.00 -16.11 7.45
N LYS A 230 -14.90 -17.09 7.38
CA LYS A 230 -14.44 -18.46 7.58
C LYS A 230 -13.52 -18.95 6.49
N ALA A 231 -13.60 -18.37 5.30
CA ALA A 231 -12.72 -18.72 4.20
C ALA A 231 -11.33 -18.07 4.31
N VAL A 232 -11.14 -17.12 5.23
CA VAL A 232 -9.89 -16.35 5.35
C VAL A 232 -9.21 -16.55 6.71
N VAL A 233 -9.96 -16.41 7.79
CA VAL A 233 -9.39 -16.39 9.13
C VAL A 233 -9.35 -17.82 9.68
N PRO A 234 -8.17 -18.34 10.07
CA PRO A 234 -8.11 -19.68 10.70
C PRO A 234 -9.02 -19.78 11.91
N ALA A 235 -9.75 -20.91 12.00
CA ALA A 235 -10.72 -21.17 13.05
C ALA A 235 -10.08 -21.09 14.42
N LYS A 236 -8.79 -21.43 14.54
CA LYS A 236 -8.07 -21.35 15.82
C LYS A 236 -8.06 -19.93 16.42
N TYR A 237 -8.25 -18.90 15.59
CA TYR A 237 -8.30 -17.51 16.08
C TYR A 237 -9.69 -17.04 16.43
N LEU A 238 -10.73 -17.80 16.07
CA LEU A 238 -12.11 -17.39 16.27
C LEU A 238 -12.75 -18.19 17.35
N ASP A 239 -13.48 -17.56 18.25
CA ASP A 239 -14.13 -18.29 19.33
C ASP A 239 -15.51 -17.71 19.62
N GLU A 240 -16.18 -18.21 20.65
CA GLU A 240 -17.52 -17.76 21.04
C GLU A 240 -17.57 -16.28 21.41
N ASP A 241 -16.43 -15.69 21.82
CA ASP A 241 -16.33 -14.29 22.23
C ASP A 241 -16.02 -13.33 21.10
N THR A 242 -15.59 -13.84 19.93
CA THR A 242 -15.25 -12.94 18.81
C THR A 242 -16.48 -12.11 18.43
N ILE A 243 -16.27 -10.81 18.27
CA ILE A 243 -17.32 -9.86 17.92
C ILE A 243 -17.29 -9.61 16.44
N TYR A 244 -18.47 -9.67 15.82
CA TYR A 244 -18.61 -9.44 14.38
C TYR A 244 -19.50 -8.24 14.13
N HIS A 245 -18.99 -7.27 13.38
CA HIS A 245 -19.75 -6.10 12.91
C HIS A 245 -19.80 -6.21 11.42
N LEU A 246 -20.84 -6.84 10.90
CA LEU A 246 -20.97 -7.13 9.46
C LEU A 246 -22.07 -6.29 8.90
N GLN A 247 -21.75 -5.47 7.89
CA GLN A 247 -22.66 -4.44 7.38
C GLN A 247 -23.24 -3.61 8.55
N PRO A 248 -22.37 -3.08 9.44
CA PRO A 248 -22.86 -2.36 10.62
C PRO A 248 -23.67 -1.10 10.32
N SER A 249 -23.48 -0.49 9.14
CA SER A 249 -24.32 0.68 8.83
C SER A 249 -25.75 0.28 8.47
N GLY A 250 -25.96 -0.97 8.12
CA GLY A 250 -27.28 -1.50 7.75
C GLY A 250 -27.64 -1.37 6.28
N ARG A 251 -26.99 -0.46 5.54
CA ARG A 251 -27.32 -0.25 4.13
C ARG A 251 -26.15 0.44 3.48
N PHE A 252 -25.69 -0.11 2.36
CA PHE A 252 -24.53 0.41 1.65
C PHE A 252 -24.74 0.15 0.14
N VAL A 253 -25.77 0.79 -0.40
CA VAL A 253 -26.09 0.69 -1.84
C VAL A 253 -25.31 1.74 -2.61
N ILE A 254 -25.35 2.99 -2.13
CA ILE A 254 -24.54 4.07 -2.70
C ILE A 254 -23.11 3.83 -2.24
N GLY A 255 -22.18 3.77 -3.17
CA GLY A 255 -20.78 3.52 -2.85
C GLY A 255 -19.86 3.99 -3.94
N GLY A 256 -18.60 3.64 -3.83
CA GLY A 256 -17.59 4.14 -4.75
C GLY A 256 -17.53 5.66 -4.64
N PRO A 257 -17.04 6.35 -5.70
CA PRO A 257 -16.90 7.81 -5.65
C PRO A 257 -18.20 8.56 -5.40
N GLN A 258 -19.34 7.96 -5.73
CA GLN A 258 -20.63 8.59 -5.45
C GLN A 258 -20.86 8.72 -3.94
N GLY A 259 -20.44 7.73 -3.17
CA GLY A 259 -20.63 7.80 -1.73
C GLY A 259 -19.63 8.63 -0.97
N ASP A 260 -18.41 8.79 -1.51
CA ASP A 260 -17.33 9.47 -0.80
C ASP A 260 -16.28 9.85 -1.81
N ALA A 261 -15.83 11.10 -1.79
CA ALA A 261 -14.73 11.52 -2.68
C ALA A 261 -13.45 10.75 -2.37
N GLY A 262 -12.74 10.31 -3.38
CA GLY A 262 -11.46 9.65 -3.21
C GLY A 262 -10.34 10.55 -3.69
N LEU A 263 -9.15 10.36 -3.10
CA LEU A 263 -7.95 11.06 -3.53
C LEU A 263 -6.79 10.10 -3.44
N THR A 264 -5.78 10.27 -4.29
CA THR A 264 -4.53 9.48 -4.19
C THR A 264 -3.84 9.81 -2.85
N GLY A 265 -3.27 8.80 -2.25
CA GLY A 265 -2.45 8.95 -1.05
C GLY A 265 -3.21 9.24 0.22
N ARG A 266 -4.42 8.73 0.30
CA ARG A 266 -5.28 8.84 1.47
C ARG A 266 -5.45 7.53 2.20
N LYS A 267 -4.69 6.51 1.80
CA LYS A 267 -4.72 5.19 2.45
C LYS A 267 -3.31 4.74 2.76
N ILE A 268 -2.49 5.66 3.29
CA ILE A 268 -1.06 5.36 3.43
C ILE A 268 -0.73 4.34 4.50
N ILE A 269 -1.63 4.19 5.47
CA ILE A 269 -1.45 3.21 6.56
C ILE A 269 -1.91 1.83 6.08
N VAL A 270 -3.03 1.79 5.30
CA VAL A 270 -3.44 0.56 4.61
C VAL A 270 -2.34 0.10 3.65
N ASP A 271 -1.62 1.02 3.02
CA ASP A 271 -0.58 0.69 2.09
C ASP A 271 0.64 0.10 2.74
N THR A 272 0.81 0.29 4.04
CA THR A 272 2.05 -0.02 4.76
C THR A 272 1.78 -1.02 5.87
N TYR A 273 1.75 -0.59 7.12
CA TYR A 273 1.80 -1.54 8.24
C TYR A 273 0.59 -1.50 9.16
N GLY A 274 -0.51 -0.85 8.73
CA GLY A 274 -1.73 -0.94 9.52
C GLY A 274 -1.70 -0.39 10.92
N GLY A 275 -0.83 0.58 11.15
CA GLY A 275 -0.73 1.24 12.44
C GLY A 275 0.49 0.81 13.21
N TRP A 276 1.06 -0.34 12.82
CA TRP A 276 2.29 -0.82 13.44
C TRP A 276 3.48 -0.06 12.88
N GLY A 277 4.62 -0.11 13.57
CA GLY A 277 5.80 0.58 13.05
C GLY A 277 5.65 2.09 13.16
N ALA A 278 5.75 2.81 12.02
CA ALA A 278 5.61 4.27 11.95
C ALA A 278 5.47 4.64 10.49
N HIS A 279 5.07 5.90 10.26
CA HIS A 279 4.93 6.36 8.89
C HIS A 279 5.48 7.80 8.85
N GLY A 280 6.17 8.10 7.77
CA GLY A 280 6.71 9.45 7.56
C GLY A 280 5.80 10.41 6.82
N GLY A 281 4.64 9.92 6.33
CA GLY A 281 3.61 10.77 5.73
C GLY A 281 3.50 10.75 4.21
N GLY A 282 4.52 10.29 3.53
CA GLY A 282 4.51 10.32 2.06
C GLY A 282 3.70 9.22 1.45
N ALA A 283 2.95 9.59 0.43
CA ALA A 283 2.14 8.63 -0.35
C ALA A 283 3.00 7.97 -1.41
N PHE A 284 2.61 6.79 -1.87
CA PHE A 284 3.36 6.05 -2.86
C PHE A 284 2.89 6.22 -4.29
N SER A 285 1.59 6.13 -4.52
CA SER A 285 1.09 5.97 -5.89
C SER A 285 1.26 7.21 -6.75
N GLY A 286 1.51 6.98 -8.02
CA GLY A 286 1.67 8.03 -9.02
C GLY A 286 3.01 8.68 -9.03
N LYS A 287 4.03 8.08 -8.39
CA LYS A 287 5.37 8.70 -8.29
C LYS A 287 6.44 7.78 -8.83
N ASP A 288 7.34 8.33 -9.62
CA ASP A 288 8.52 7.61 -10.12
C ASP A 288 9.59 7.49 -9.00
N TYR A 289 10.66 6.74 -9.30
CA TYR A 289 11.65 6.41 -8.27
C TYR A 289 12.37 7.59 -7.67
N THR A 290 12.46 8.73 -8.35
CA THR A 290 13.17 9.85 -7.77
C THR A 290 12.43 10.44 -6.59
N LYS A 291 11.14 10.11 -6.44
CA LYS A 291 10.36 10.57 -5.29
C LYS A 291 10.63 9.54 -4.18
N VAL A 292 11.54 9.88 -3.27
CA VAL A 292 11.96 9.01 -2.16
C VAL A 292 10.81 8.62 -1.24
N ASP A 293 9.67 9.35 -1.23
CA ASP A 293 8.50 8.90 -0.49
C ASP A 293 8.21 7.44 -0.80
N ARG A 294 8.36 7.05 -2.07
CA ARG A 294 8.13 5.68 -2.50
C ARG A 294 9.42 4.85 -2.45
N SER A 295 10.46 5.22 -3.20
CA SER A 295 11.66 4.39 -3.30
C SER A 295 12.37 4.15 -1.98
N ALA A 296 12.43 5.17 -1.11
CA ALA A 296 13.15 4.97 0.15
C ALA A 296 12.28 4.19 1.13
N ALA A 297 10.95 4.31 1.05
CA ALA A 297 10.07 3.49 1.90
C ALA A 297 10.21 2.03 1.47
N TYR A 298 10.28 1.74 0.16
CA TYR A 298 10.48 0.36 -0.30
C TYR A 298 11.85 -0.15 0.15
N ALA A 299 12.88 0.70 0.04
CA ALA A 299 14.21 0.27 0.49
C ALA A 299 14.24 0.05 2.01
N ALA A 300 13.52 0.89 2.77
CA ALA A 300 13.49 0.71 4.23
C ALA A 300 12.78 -0.60 4.63
N ARG A 301 11.73 -0.95 3.90
CA ARG A 301 11.06 -2.25 4.11
C ARG A 301 12.05 -3.37 3.80
N TRP A 302 12.82 -3.24 2.71
CA TRP A 302 13.81 -4.20 2.31
C TRP A 302 14.85 -4.40 3.40
N VAL A 303 15.34 -3.29 3.98
CA VAL A 303 16.30 -3.36 5.08
C VAL A 303 15.67 -4.08 6.27
N ALA A 304 14.47 -3.66 6.70
CA ALA A 304 13.82 -4.25 7.87
C ALA A 304 13.59 -5.74 7.69
N LYS A 305 13.07 -6.12 6.53
CA LYS A 305 12.81 -7.54 6.25
C LYS A 305 14.12 -8.32 6.20
N SER A 306 15.19 -7.75 5.66
CA SER A 306 16.51 -8.38 5.62
C SER A 306 17.06 -8.62 7.03
N LEU A 307 16.85 -7.67 7.95
CA LEU A 307 17.29 -7.84 9.32
C LEU A 307 16.52 -8.97 10.01
N VAL A 308 15.23 -9.08 9.83
CA VAL A 308 14.41 -10.11 10.48
C VAL A 308 14.68 -11.48 9.87
N LYS A 309 14.64 -11.59 8.54
CA LYS A 309 14.90 -12.87 7.86
C LYS A 309 16.33 -13.34 8.03
N GLY A 310 17.24 -12.41 8.26
CA GLY A 310 18.66 -12.68 8.52
C GLY A 310 18.91 -13.16 9.94
N GLY A 311 17.87 -13.16 10.77
CA GLY A 311 17.92 -13.62 12.14
C GLY A 311 18.56 -12.66 13.12
N LEU A 312 18.70 -11.38 12.73
CA LEU A 312 19.33 -10.39 13.60
C LEU A 312 18.34 -9.82 14.61
N CYS A 313 17.04 -9.81 14.29
CA CYS A 313 16.06 -9.39 15.25
CA CYS A 313 15.93 -9.19 15.08
C CYS A 313 14.73 -10.04 14.91
N ARG A 314 13.77 -9.92 15.80
CA ARG A 314 12.45 -10.48 15.58
C ARG A 314 11.48 -9.43 15.05
N ARG A 315 11.76 -8.15 15.36
CA ARG A 315 10.89 -7.03 15.01
C ARG A 315 11.79 -5.82 14.88
N VAL A 316 11.56 -4.97 13.88
CA VAL A 316 12.46 -3.85 13.70
C VAL A 316 11.79 -2.74 12.95
N LEU A 317 12.18 -1.51 13.30
CA LEU A 317 11.72 -0.28 12.66
C LEU A 317 12.97 0.42 12.15
N VAL A 318 12.92 0.89 10.92
CA VAL A 318 14.03 1.62 10.28
C VAL A 318 13.52 3.00 9.88
N GLN A 319 14.23 4.08 10.19
CA GLN A 319 13.89 5.40 9.67
C GLN A 319 15.03 5.86 8.80
N VAL A 320 14.68 6.53 7.72
CA VAL A 320 15.64 7.19 6.83
CA VAL A 320 15.65 7.20 6.84
C VAL A 320 15.06 8.57 6.52
N SER A 321 15.89 9.52 6.15
CA SER A 321 15.37 10.83 5.76
C SER A 321 16.29 11.43 4.70
N TYR A 322 15.75 12.42 3.97
CA TYR A 322 16.45 13.05 2.83
C TYR A 322 16.17 14.53 2.75
N ALA A 323 17.04 15.23 2.01
CA ALA A 323 16.81 16.62 1.65
C ALA A 323 16.69 16.64 0.12
N ILE A 324 15.81 17.50 -0.42
CA ILE A 324 15.69 17.62 -1.87
C ILE A 324 17.06 18.01 -2.47
N GLY A 325 17.42 17.31 -3.53
CA GLY A 325 18.66 17.58 -4.24
C GLY A 325 19.89 16.91 -3.70
N VAL A 326 19.79 16.22 -2.56
CA VAL A 326 20.92 15.55 -1.92
C VAL A 326 20.74 14.08 -2.08
N SER A 327 21.77 13.37 -2.55
CA SER A 327 21.62 11.93 -2.80
CA SER A 327 21.71 11.92 -2.81
C SER A 327 21.64 11.06 -1.56
N HIS A 328 22.61 11.22 -0.66
CA HIS A 328 22.70 10.39 0.52
C HIS A 328 21.65 10.76 1.55
N PRO A 329 21.10 9.77 2.27
CA PRO A 329 20.20 10.09 3.38
C PRO A 329 20.87 10.99 4.41
N LEU A 330 20.08 11.84 5.02
CA LEU A 330 20.51 12.74 6.10
C LEU A 330 20.64 12.00 7.39
N SER A 331 19.81 10.96 7.59
CA SER A 331 19.81 10.18 8.82
C SER A 331 19.33 8.78 8.52
N ILE A 332 19.80 7.82 9.34
CA ILE A 332 19.35 6.43 9.31
C ILE A 332 19.29 6.00 10.75
N SER A 333 18.19 5.38 11.16
CA SER A 333 18.01 4.94 12.55
C SER A 333 17.36 3.59 12.57
N ILE A 334 17.71 2.80 13.58
CA ILE A 334 17.19 1.43 13.74
C ILE A 334 16.67 1.26 15.16
N PHE A 335 15.46 0.69 15.31
CA PHE A 335 14.85 0.40 16.61
C PHE A 335 14.43 -1.06 16.60
N HIS A 336 15.01 -1.88 17.50
CA HIS A 336 14.72 -3.31 17.44
C HIS A 336 13.82 -3.82 18.53
N TYR A 337 13.18 -2.92 19.29
CA TYR A 337 12.18 -3.28 20.30
C TYR A 337 12.73 -4.22 21.40
N GLY A 338 14.05 -4.33 21.50
CA GLY A 338 14.69 -5.26 22.45
C GLY A 338 14.74 -6.68 21.91
N THR A 339 14.53 -6.88 20.61
CA THR A 339 14.49 -8.22 20.01
C THR A 339 15.76 -8.70 19.35
N SER A 340 16.88 -8.03 19.64
CA SER A 340 18.18 -8.44 19.11
C SER A 340 19.16 -8.55 20.27
N GLN A 341 20.15 -9.42 20.13
CA GLN A 341 21.23 -9.46 21.10
C GLN A 341 22.22 -8.33 20.75
N LYS A 342 22.20 -7.86 19.49
CA LYS A 342 23.07 -6.77 19.07
C LYS A 342 22.43 -5.46 19.45
N SER A 343 23.25 -4.46 19.73
CA SER A 343 22.69 -3.14 20.04
C SER A 343 22.15 -2.52 18.74
N GLU A 344 21.33 -1.49 18.89
CA GLU A 344 20.83 -0.75 17.73
C GLU A 344 22.00 -0.09 16.96
N ARG A 345 23.04 0.36 17.69
CA ARG A 345 24.23 0.94 17.07
C ARG A 345 24.94 -0.10 16.18
N GLU A 346 25.07 -1.35 16.66
CA GLU A 346 25.64 -2.43 15.85
C GLU A 346 24.77 -2.73 14.63
N LEU A 347 23.44 -2.79 14.79
CA LEU A 347 22.58 -3.05 13.62
C LEU A 347 22.71 -1.91 12.61
N LEU A 348 22.78 -0.65 13.08
CA LEU A 348 22.96 0.47 12.17
C LEU A 348 24.26 0.32 11.36
N GLU A 349 25.36 -0.08 12.00
CA GLU A 349 26.62 -0.33 11.30
C GLU A 349 26.48 -1.46 10.26
N ILE A 350 25.74 -2.53 10.57
CA ILE A 350 25.51 -3.60 9.59
C ILE A 350 24.71 -3.03 8.39
N VAL A 351 23.69 -2.22 8.68
CA VAL A 351 22.90 -1.63 7.60
C VAL A 351 23.78 -0.76 6.71
N LYS A 352 24.61 0.10 7.34
CA LYS A 352 25.47 1.01 6.57
C LYS A 352 26.49 0.24 5.73
N LYS A 353 26.94 -0.92 6.18
CA LYS A 353 27.89 -1.72 5.40
C LYS A 353 27.24 -2.51 4.27
N ASN A 354 25.92 -2.75 4.37
CA ASN A 354 25.23 -3.60 3.42
C ASN A 354 24.33 -2.89 2.42
N PHE A 355 23.90 -1.67 2.73
CA PHE A 355 22.94 -0.99 1.88
C PHE A 355 23.43 0.37 1.48
N ASP A 356 23.09 0.80 0.28
CA ASP A 356 23.36 2.14 -0.24
C ASP A 356 21.98 2.72 -0.57
N LEU A 357 21.54 3.66 0.28
CA LEU A 357 20.19 4.18 0.19
C LEU A 357 20.08 5.48 -0.60
N ARG A 358 21.02 5.72 -1.51
CA ARG A 358 20.84 6.79 -2.46
C ARG A 358 19.74 6.38 -3.43
N PRO A 359 18.85 7.29 -3.83
CA PRO A 359 17.80 6.88 -4.77
C PRO A 359 18.31 6.34 -6.10
N GLY A 360 19.45 6.87 -6.59
CA GLY A 360 20.03 6.36 -7.84
C GLY A 360 20.69 5.01 -7.72
N VAL A 361 20.80 4.48 -6.50
CA VAL A 361 21.28 3.11 -6.30
C VAL A 361 20.06 2.22 -5.99
N ILE A 362 19.14 2.66 -5.17
CA ILE A 362 17.90 1.92 -4.90
C ILE A 362 17.18 1.56 -6.19
N VAL A 363 17.16 2.47 -7.17
CA VAL A 363 16.49 2.20 -8.45
C VAL A 363 17.05 0.96 -9.12
N ARG A 364 18.36 0.75 -9.04
CA ARG A 364 19.03 -0.39 -9.62
C ARG A 364 18.75 -1.64 -8.79
N ASP A 365 18.90 -1.57 -7.47
CA ASP A 365 18.69 -2.73 -6.62
C ASP A 365 17.26 -3.23 -6.62
N LEU A 366 16.28 -2.35 -6.72
CA LEU A 366 14.87 -2.70 -6.62
C LEU A 366 14.16 -2.64 -7.98
N ASP A 367 14.91 -2.37 -9.06
CA ASP A 367 14.41 -2.36 -10.46
C ASP A 367 13.20 -1.45 -10.59
N LEU A 368 13.34 -0.21 -10.08
CA LEU A 368 12.21 0.71 -9.92
C LEU A 368 11.76 1.44 -11.20
N LYS A 369 12.40 1.17 -12.33
CA LYS A 369 11.90 1.72 -13.59
C LYS A 369 10.90 0.74 -14.22
N LYS A 370 10.74 -0.46 -13.63
CA LYS A 370 9.82 -1.44 -14.20
C LYS A 370 8.37 -1.06 -13.93
N PRO A 371 7.51 -1.21 -14.98
CA PRO A 371 6.09 -0.81 -14.83
C PRO A 371 5.22 -1.83 -14.10
N ILE A 372 5.48 -2.08 -12.82
CA ILE A 372 4.71 -3.02 -12.00
C ILE A 372 3.93 -2.28 -10.92
N TYR A 373 3.85 -0.96 -11.00
CA TYR A 373 3.28 -0.21 -9.92
C TYR A 373 1.79 -0.39 -9.70
N GLN A 374 1.00 -0.55 -10.77
CA GLN A 374 -0.43 -0.74 -10.53
C GLN A 374 -0.70 -1.98 -9.66
N ARG A 375 0.16 -3.01 -9.78
CA ARG A 375 0.06 -4.22 -8.94
C ARG A 375 0.22 -3.91 -7.45
N THR A 376 0.95 -2.84 -7.10
CA THR A 376 1.16 -2.50 -5.69
C THR A 376 0.05 -1.74 -5.03
N ALA A 377 -0.87 -1.13 -5.84
CA ALA A 377 -1.79 -0.09 -5.42
C ALA A 377 -3.07 -0.54 -4.73
N ALA A 378 -3.21 -1.85 -4.52
CA ALA A 378 -4.28 -2.36 -3.67
C ALA A 378 -3.71 -3.54 -2.89
N TYR A 379 -4.24 -3.78 -1.69
CA TYR A 379 -3.87 -4.91 -0.80
C TYR A 379 -2.50 -4.76 -0.17
N GLY A 380 -2.00 -3.53 -0.09
CA GLY A 380 -0.73 -3.25 0.55
C GLY A 380 0.45 -3.37 -0.38
N HIS A 381 1.49 -2.59 -0.14
CA HIS A 381 2.69 -2.60 -0.97
C HIS A 381 3.69 -3.64 -0.47
N PHE A 382 3.48 -4.14 0.75
CA PHE A 382 4.43 -5.02 1.43
C PHE A 382 3.79 -6.33 1.77
N GLY A 383 4.64 -7.32 1.93
CA GLY A 383 4.24 -8.66 2.37
C GLY A 383 3.61 -9.54 1.34
N ARG A 384 3.70 -9.16 0.05
CA ARG A 384 3.04 -9.88 -1.05
C ARG A 384 3.93 -10.02 -2.25
N ASP A 385 3.73 -11.09 -3.01
CA ASP A 385 4.19 -11.32 -4.39
C ASP A 385 5.68 -11.26 -4.70
N SER A 386 6.53 -11.34 -3.69
CA SER A 386 7.97 -11.38 -3.87
C SER A 386 8.49 -10.27 -4.79
N PHE A 387 7.96 -9.03 -4.57
CA PHE A 387 8.49 -7.82 -5.23
C PHE A 387 9.95 -7.70 -4.79
N PRO A 388 10.83 -6.94 -5.50
CA PRO A 388 12.24 -6.94 -5.10
C PRO A 388 12.52 -6.54 -3.64
N TRP A 389 11.70 -5.62 -3.08
CA TRP A 389 11.87 -5.14 -1.69
C TRP A 389 11.42 -6.19 -0.67
N GLU A 390 10.83 -7.28 -1.15
CA GLU A 390 10.37 -8.39 -0.31
C GLU A 390 11.35 -9.57 -0.36
N VAL A 391 12.42 -9.48 -1.12
CA VAL A 391 13.40 -10.56 -1.23
C VAL A 391 14.54 -10.13 -0.35
N PRO A 392 14.79 -10.79 0.78
CA PRO A 392 15.84 -10.28 1.68
C PRO A 392 17.22 -10.28 1.08
N LYS A 393 18.03 -9.31 1.44
CA LYS A 393 19.42 -9.28 1.04
C LYS A 393 20.20 -10.11 2.05
N LYS A 394 21.12 -10.95 1.58
CA LYS A 394 22.03 -11.72 2.45
C LYS A 394 23.05 -10.74 3.03
N LEU A 395 23.09 -10.64 4.35
CA LEU A 395 23.93 -9.65 5.00
C LEU A 395 25.33 -10.15 5.34
N LYS A 396 26.31 -9.28 5.17
CA LYS A 396 27.72 -9.56 5.47
C LYS A 396 28.12 -8.72 6.69
N TYR A 397 28.60 -9.40 7.76
CA TYR A 397 29.00 -8.80 9.04
C TYR A 397 29.83 -9.77 9.88
C1 TNZ B . 3.73 -3.08 21.22
C2 TNZ B . 1.74 -2.22 21.91
C3 TNZ B . 0.60 -2.24 22.76
C7 TNZ B . 1.84 -1.20 20.93
C8 TNZ B . 3.00 -1.23 20.11
C9 TNZ B . 3.23 -0.22 19.05
C10 TNZ B . 2.41 -0.16 17.92
C11 TNZ B . 2.63 0.79 16.93
C12 TNZ B . 3.67 1.69 17.06
C13 TNZ B . 4.49 1.65 18.17
C14 TNZ B . 4.27 0.70 19.16
CL TNZ B . -1.49 0.89 21.50
C5 TNZ B . -0.25 -0.31 21.66
C4 TNZ B . -0.38 -1.31 22.63
C6 TNZ B . 0.81 -0.25 20.82
N TNZ B . 2.70 -3.18 22.07
N1 TNZ B . 3.94 -2.15 20.27
O TNZ B . 4.70 -3.99 21.35
C TNZ B . 4.54 -4.99 22.35
N SAM C . -17.51 11.19 3.38
CA SAM C . -18.44 10.36 4.18
C SAM C . -19.61 11.19 4.70
O SAM C . -20.08 11.02 5.81
OXT SAM C . -20.04 12.05 3.85
CB SAM C . -17.71 9.67 5.31
CG SAM C . -16.78 8.59 4.76
SD SAM C . -17.56 7.11 4.08
CE SAM C . -18.35 6.35 5.49
C5' SAM C . -15.91 6.39 4.00
C4' SAM C . -15.84 5.05 3.31
O4' SAM C . -16.79 4.17 3.96
C3' SAM C . -16.26 5.06 1.84
O3' SAM C . -15.17 5.41 0.99
C2' SAM C . -16.72 3.63 1.64
O2' SAM C . -15.63 2.74 1.52
C1' SAM C . -17.41 3.36 2.98
N9 SAM C . -18.84 3.65 2.97
C8 SAM C . -19.55 4.48 2.14
N7 SAM C . -20.84 4.44 2.32
C5 SAM C . -21.00 3.49 3.32
C6 SAM C . -22.14 2.92 3.93
N6 SAM C . -23.40 3.29 3.63
N1 SAM C . -21.94 2.02 4.90
C2 SAM C . -20.70 1.66 5.20
N3 SAM C . -19.55 2.10 4.69
C4 SAM C . -19.77 3.01 3.74
#